data_5QGK
#
_entry.id   5QGK
#
_cell.length_a   126.780
_cell.length_b   126.780
_cell.length_c   41.710
_cell.angle_alpha   90.000
_cell.angle_beta   90.000
_cell.angle_gamma   120.000
#
_symmetry.space_group_name_H-M   'P 3 2 1'
#
loop_
_entity.id
_entity.type
_entity.pdbx_description
1 polymer 'Peroxisomal coenzyme A diphosphatase NUDT7'
2 non-polymer 'ACETATE ION'
3 non-polymer 'DIMETHYL SULFOXIDE'
4 non-polymer N-(4-methylphenyl)-1H-pyrazolo[3,4-d]pyrimidin-4-amine
5 water water
#
_entity_poly.entity_id   1
_entity_poly.type   'polypeptide(L)'
_entity_poly.pdbx_seq_one_letter_code
;SMLDDAKARLRKYDIGGKYSHLPYNKYSVLLPLVAKEGKLHLLFTVRSEKLRRAPGEVCFPGGKRDPTDMDDAATALREA
QEEVGLR(HYP)HQVEVV(CSO)CLVPCLIDTDTLITPFVGLIDHNFQAQPNPAEVKDVFLVPLAYFLHPQVHDQHYVTR
LGHRFINHIFEYTNPEDGVTYQIKGMTANLAVLVAFIILEKKPT
;
_entity_poly.pdbx_strand_id   A
#
# COMPACT_ATOMS: atom_id res chain seq x y z
N SER A 1 11.29 -11.49 -16.73
CA SER A 1 9.81 -11.44 -16.63
C SER A 1 9.37 -10.11 -15.99
N MET A 2 8.08 -9.87 -16.02
CA MET A 2 7.42 -8.70 -15.43
C MET A 2 7.72 -8.63 -13.91
N LEU A 3 7.68 -9.77 -13.23
CA LEU A 3 7.92 -9.75 -11.79
C LEU A 3 9.42 -9.58 -11.45
N ASP A 4 10.28 -10.27 -12.18
CA ASP A 4 11.71 -10.13 -12.06
C ASP A 4 12.10 -8.67 -12.21
N ASP A 5 11.54 -8.04 -13.24
CA ASP A 5 11.79 -6.69 -13.60
C ASP A 5 11.37 -5.70 -12.49
N ALA A 6 10.19 -5.92 -11.94
CA ALA A 6 9.65 -5.08 -10.85
C ALA A 6 10.49 -5.10 -9.59
N LYS A 7 10.84 -6.31 -9.17
CA LYS A 7 11.65 -6.51 -7.99
C LYS A 7 13.08 -5.86 -8.16
N ALA A 8 13.71 -6.04 -9.32
CA ALA A 8 14.99 -5.40 -9.58
C ALA A 8 14.92 -3.83 -9.54
N ARG A 9 13.85 -3.25 -10.07
CA ARG A 9 13.63 -1.80 -9.96
C ARG A 9 13.46 -1.41 -8.49
N LEU A 10 12.56 -2.10 -7.77
CA LEU A 10 12.30 -1.79 -6.34
C LEU A 10 13.55 -1.85 -5.47
N ARG A 11 14.38 -2.85 -5.66
CA ARG A 11 15.63 -3.01 -4.89
C ARG A 11 16.51 -1.74 -4.89
N LYS A 12 16.57 -0.99 -5.98
CA LYS A 12 17.43 0.20 -6.07
C LYS A 12 16.98 1.39 -5.20
N TYR A 13 15.75 1.36 -4.66
CA TYR A 13 15.23 2.41 -3.82
C TYR A 13 15.10 1.97 -2.35
N ASP A 14 15.56 0.76 -2.05
CA ASP A 14 15.46 0.19 -0.71
C ASP A 14 16.41 0.97 0.19
N ILE A 15 15.86 1.54 1.27
CA ILE A 15 16.73 2.11 2.30
C ILE A 15 17.09 1.12 3.43
N GLY A 16 16.48 -0.08 3.43
CA GLY A 16 16.59 -1.05 4.54
C GLY A 16 16.25 -0.52 5.95
N GLY A 17 17.14 -0.79 6.90
CA GLY A 17 16.94 -0.47 8.32
C GLY A 17 17.52 0.88 8.79
N LYS A 18 18.12 1.61 7.86
CA LYS A 18 18.75 2.92 8.13
C LYS A 18 18.04 3.89 9.16
N TYR A 19 16.73 4.10 9.03
CA TYR A 19 15.93 4.96 9.93
C TYR A 19 15.06 4.16 10.97
N SER A 20 15.18 2.82 10.98
CA SER A 20 14.37 1.96 11.85
C SER A 20 14.57 2.08 13.38
N HIS A 21 15.73 2.54 13.85
CA HIS A 21 16.00 2.61 15.31
C HIS A 21 15.66 3.95 15.99
N LEU A 22 15.41 5.00 15.20
CA LEU A 22 15.12 6.33 15.75
C LEU A 22 13.94 6.32 16.72
N PRO A 23 13.95 7.20 17.77
CA PRO A 23 12.91 7.12 18.85
C PRO A 23 11.55 7.75 18.54
N TYR A 24 10.87 7.26 17.50
CA TYR A 24 9.54 7.76 17.14
C TYR A 24 8.40 6.87 17.70
N ASN A 25 7.20 7.41 17.69
CA ASN A 25 5.94 6.59 17.59
C ASN A 25 5.94 5.90 16.20
N LYS A 26 5.96 4.56 16.17
CA LYS A 26 6.27 3.80 14.94
C LYS A 26 5.06 3.03 14.37
N TYR A 27 4.78 3.25 13.07
CA TYR A 27 3.75 2.50 12.29
C TYR A 27 4.37 1.99 11.03
N SER A 28 3.91 0.81 10.53
CA SER A 28 4.23 0.31 9.20
C SER A 28 2.99 0.09 8.33
N VAL A 29 3.19 0.23 7.00
CA VAL A 29 2.22 -0.10 5.98
C VAL A 29 2.80 -1.06 4.95
N LEU A 30 1.92 -1.92 4.40
CA LEU A 30 2.25 -2.83 3.30
C LEU A 30 1.61 -2.37 1.99
N LEU A 31 2.42 -2.18 0.96
CA LEU A 31 1.96 -1.88 -0.39
C LEU A 31 1.90 -3.18 -1.22
N PRO A 32 0.71 -3.73 -1.40
CA PRO A 32 0.62 -5.12 -1.94
C PRO A 32 0.45 -5.13 -3.48
N LEU A 33 1.46 -5.63 -4.20
CA LEU A 33 1.48 -5.67 -5.68
C LEU A 33 0.92 -7.03 -6.15
N VAL A 34 -0.16 -6.98 -6.95
CA VAL A 34 -0.87 -8.16 -7.46
C VAL A 34 -0.78 -8.18 -8.99
N ALA A 35 -0.34 -9.32 -9.57
CA ALA A 35 -0.37 -9.51 -11.04
C ALA A 35 -1.67 -10.13 -11.53
N LYS A 36 -2.40 -9.44 -12.42
CA LYS A 36 -3.69 -9.91 -13.01
C LYS A 36 -3.68 -9.51 -14.46
N GLU A 37 -4.03 -10.45 -15.33
CA GLU A 37 -4.27 -10.16 -16.72
C GLU A 37 -3.13 -9.49 -17.39
N GLY A 38 -1.92 -9.93 -17.08
CA GLY A 38 -0.73 -9.46 -17.72
C GLY A 38 -0.18 -8.14 -17.14
N LYS A 39 -0.80 -7.60 -16.09
CA LYS A 39 -0.44 -6.27 -15.54
C LYS A 39 -0.36 -6.25 -13.99
N LEU A 40 0.44 -5.30 -13.47
CA LEU A 40 0.55 -5.07 -12.03
C LEU A 40 -0.57 -4.16 -11.53
N HIS A 41 -1.03 -4.44 -10.32
CA HIS A 41 -2.08 -3.70 -9.61
C HIS A 41 -1.62 -3.48 -8.15
N LEU A 42 -2.13 -2.45 -7.52
CA LEU A 42 -2.04 -2.29 -6.07
C LEU A 42 -3.35 -2.59 -5.39
N LEU A 43 -3.27 -3.28 -4.27
CA LEU A 43 -4.40 -3.53 -3.39
C LEU A 43 -4.60 -2.46 -2.31
N PHE A 44 -5.85 -1.99 -2.20
CA PHE A 44 -6.27 -0.99 -1.21
C PHE A 44 -7.39 -1.51 -0.31
N THR A 45 -7.52 -0.88 0.86
CA THR A 45 -8.65 -1.09 1.79
C THR A 45 -9.47 0.16 1.92
N VAL A 46 -10.77 -0.02 2.14
CA VAL A 46 -11.63 1.00 2.66
C VAL A 46 -11.85 0.75 4.17
N ARG A 47 -11.41 1.71 4.99
CA ARG A 47 -11.57 1.56 6.44
C ARG A 47 -13.05 1.54 6.89
N SER A 48 -13.34 0.72 7.88
CA SER A 48 -14.69 0.60 8.42
C SER A 48 -15.14 1.93 8.99
N GLU A 49 -16.44 2.16 8.91
CA GLU A 49 -17.07 3.40 9.39
C GLU A 49 -17.05 3.56 10.92
N LYS A 50 -16.72 2.49 11.65
CA LYS A 50 -16.72 2.47 13.13
C LYS A 50 -15.39 2.79 13.77
N LEU A 51 -14.34 2.99 12.99
CA LEU A 51 -13.03 3.21 13.59
C LEU A 51 -12.90 4.66 14.06
N ARG A 52 -12.09 4.85 15.11
CA ARG A 52 -11.79 6.18 15.66
C ARG A 52 -11.07 7.02 14.61
N ARG A 53 -10.03 6.42 14.03
CA ARG A 53 -9.09 7.10 13.14
C ARG A 53 -9.52 6.92 11.67
N ALA A 54 -9.95 8.00 11.02
CA ALA A 54 -10.20 8.04 9.58
C ALA A 54 -11.22 6.98 9.09
N PRO A 55 -12.44 6.98 9.67
CA PRO A 55 -13.43 6.01 9.25
C PRO A 55 -13.79 6.25 7.79
N GLY A 56 -14.00 5.18 7.02
CA GLY A 56 -14.46 5.32 5.62
C GLY A 56 -13.42 5.68 4.55
N GLU A 57 -12.16 5.92 4.96
CA GLU A 57 -11.12 6.37 3.99
C GLU A 57 -10.34 5.19 3.39
N VAL A 58 -9.78 5.42 2.20
CA VAL A 58 -8.90 4.50 1.48
C VAL A 58 -7.48 4.54 2.05
N CYS A 59 -6.88 3.36 2.30
CA CYS A 59 -5.50 3.28 2.80
C CYS A 59 -4.93 1.89 2.46
N PHE A 60 -3.62 1.76 2.57
CA PHE A 60 -2.94 0.51 2.53
C PHE A 60 -3.08 -0.21 3.90
N PRO A 61 -3.11 -1.54 3.91
CA PRO A 61 -3.09 -2.22 5.22
C PRO A 61 -1.88 -1.79 6.07
N GLY A 62 -2.06 -1.75 7.38
CA GLY A 62 -0.97 -1.31 8.29
C GLY A 62 -1.47 -0.99 9.67
N GLY A 63 -0.57 -0.44 10.51
CA GLY A 63 -0.86 -0.06 11.86
C GLY A 63 0.38 0.09 12.74
N LYS A 64 0.13 0.14 14.04
CA LYS A 64 1.14 0.47 15.04
C LYS A 64 1.97 -0.74 15.42
N ARG A 65 3.28 -0.58 15.47
CA ARG A 65 4.16 -1.59 16.00
C ARG A 65 3.80 -1.94 17.45
N ASP A 66 4.04 -3.21 17.79
CA ASP A 66 3.81 -3.70 19.14
C ASP A 66 4.97 -4.49 19.62
N PRO A 67 4.99 -4.81 20.95
CA PRO A 67 6.20 -5.44 21.41
C PRO A 67 6.46 -6.81 20.85
N THR A 68 5.47 -7.51 20.29
CA THR A 68 5.80 -8.84 19.68
C THR A 68 6.62 -8.75 18.35
N ASP A 69 6.50 -7.61 17.63
CA ASP A 69 7.10 -7.50 16.27
C ASP A 69 8.62 -7.60 16.38
N MET A 70 9.22 -8.51 15.61
CA MET A 70 10.71 -8.63 15.50
C MET A 70 11.37 -7.40 14.83
N ASP A 71 10.68 -6.81 13.84
CA ASP A 71 11.14 -5.58 13.17
C ASP A 71 9.95 -4.90 12.50
N ASP A 72 10.20 -3.78 11.80
CA ASP A 72 9.14 -2.99 11.16
C ASP A 72 8.35 -3.71 10.03
N ALA A 73 9.03 -4.55 9.31
CA ALA A 73 8.36 -5.46 8.28
C ALA A 73 7.35 -6.38 8.96
N ALA A 74 7.74 -6.94 10.11
CA ALA A 74 6.83 -7.82 10.93
C ALA A 74 5.51 -7.13 11.25
N THR A 75 5.57 -5.84 11.65
CA THR A 75 4.36 -5.04 11.87
C THR A 75 3.39 -4.99 10.68
N ALA A 76 3.98 -4.66 9.53
CA ALA A 76 3.17 -4.62 8.30
C ALA A 76 2.51 -6.00 7.96
N LEU A 77 3.24 -7.09 8.13
CA LEU A 77 2.75 -8.44 7.83
C LEU A 77 1.67 -8.91 8.84
N ARG A 78 1.90 -8.66 10.13
CA ARG A 78 0.88 -8.89 11.16
C ARG A 78 -0.39 -8.17 10.88
N GLU A 79 -0.28 -6.87 10.61
CA GLU A 79 -1.47 -6.08 10.29
C GLU A 79 -2.22 -6.54 8.99
N ALA A 80 -1.47 -6.81 7.93
CA ALA A 80 -2.09 -7.31 6.70
C ALA A 80 -2.90 -8.64 6.94
N GLN A 81 -2.36 -9.52 7.75
CA GLN A 81 -3.06 -10.80 8.11
C GLN A 81 -4.36 -10.55 8.84
N GLU A 82 -4.27 -9.70 9.86
CA GLU A 82 -5.42 -9.36 10.70
C GLU A 82 -6.48 -8.63 9.89
N GLU A 83 -6.09 -7.77 8.97
CA GLU A 83 -7.08 -6.97 8.26
C GLU A 83 -7.69 -7.64 7.07
N VAL A 84 -6.89 -8.36 6.26
CA VAL A 84 -7.44 -8.94 5.01
C VAL A 84 -7.11 -10.43 4.77
N GLY A 85 -6.54 -11.10 5.77
CA GLY A 85 -6.28 -12.54 5.74
C GLY A 85 -5.06 -12.99 4.96
N LEU A 86 -4.17 -12.04 4.62
CA LEU A 86 -2.91 -12.37 3.98
C LEU A 86 -1.92 -13.07 4.88
N ARG A 87 -1.51 -14.27 4.48
CA ARG A 87 -0.59 -15.05 5.25
C ARG A 87 0.83 -14.82 4.78
N HIS A 89 3.32 -16.76 4.01
CA HIS A 89 3.78 -17.55 2.87
C HIS A 89 3.20 -16.99 1.54
N GLN A 90 2.20 -16.08 1.61
CA GLN A 90 1.59 -15.50 0.42
C GLN A 90 2.14 -14.13 0.00
N VAL A 91 3.22 -13.69 0.66
CA VAL A 91 3.86 -12.43 0.34
C VAL A 91 5.40 -12.47 0.37
N GLU A 92 6.05 -11.94 -0.67
CA GLU A 92 7.50 -11.68 -0.62
C GLU A 92 7.72 -10.17 -0.40
N VAL A 93 8.26 -9.79 0.75
CA VAL A 93 8.66 -8.38 1.02
C VAL A 93 9.93 -8.09 0.28
N VAL A 94 9.83 -7.09 -0.61
CA VAL A 94 10.90 -6.81 -1.57
C VAL A 94 11.77 -5.64 -1.11
N CYS A 96 11.98 -1.73 1.56
CA CYS A 96 11.55 -0.71 2.46
C CYS A 96 11.80 0.68 1.78
N LEU A 97 10.76 1.42 1.45
CA LEU A 97 10.85 2.74 0.83
C LEU A 97 11.03 3.83 1.89
N VAL A 98 11.24 5.05 1.41
CA VAL A 98 11.39 6.22 2.27
C VAL A 98 10.27 6.37 3.27
N PRO A 99 10.62 6.58 4.53
CA PRO A 99 9.54 6.73 5.55
C PRO A 99 8.93 8.09 5.51
N CYS A 100 7.73 8.21 6.06
CA CYS A 100 6.92 9.40 6.09
C CYS A 100 6.98 9.96 7.55
N LEU A 101 7.33 11.24 7.68
CA LEU A 101 7.40 11.93 9.00
C LEU A 101 6.11 12.63 9.17
N ILE A 102 5.37 12.38 10.24
CA ILE A 102 4.19 13.24 10.52
C ILE A 102 4.06 13.72 11.95
N ASP A 103 3.54 14.93 12.09
CA ASP A 103 3.09 15.40 13.39
C ASP A 103 4.22 15.59 14.43
N THR A 104 5.44 15.74 13.94
CA THR A 104 6.66 15.90 14.76
C THR A 104 7.10 14.70 15.57
N ASP A 105 6.22 13.74 15.89
CA ASP A 105 6.64 12.60 16.74
C ASP A 105 6.40 11.17 16.14
N THR A 106 6.03 11.08 14.86
CA THR A 106 5.59 9.81 14.27
C THR A 106 6.34 9.56 12.95
N LEU A 107 6.73 8.31 12.76
CA LEU A 107 7.40 7.82 11.57
C LEU A 107 6.67 6.56 11.04
N ILE A 108 6.26 6.63 9.80
CA ILE A 108 5.53 5.54 9.11
C ILE A 108 6.40 4.98 8.02
N THR A 109 6.71 3.69 8.14
CA THR A 109 7.62 2.98 7.27
C THR A 109 6.81 2.07 6.23
N PRO A 110 6.92 2.37 4.91
CA PRO A 110 6.25 1.59 3.86
C PRO A 110 7.10 0.43 3.32
N PHE A 111 6.51 -0.75 3.24
CA PHE A 111 7.14 -1.89 2.65
C PHE A 111 6.35 -2.34 1.40
N VAL A 112 7.08 -2.70 0.35
CA VAL A 112 6.47 -3.21 -0.91
C VAL A 112 6.54 -4.74 -0.90
N GLY A 113 5.39 -5.39 -1.17
CA GLY A 113 5.29 -6.86 -1.14
C GLY A 113 4.66 -7.38 -2.43
N LEU A 114 5.23 -8.43 -3.02
CA LEU A 114 4.66 -9.20 -4.13
C LEU A 114 3.75 -10.32 -3.60
N ILE A 115 2.52 -10.35 -4.11
CA ILE A 115 1.41 -11.19 -3.55
C ILE A 115 1.21 -12.44 -4.44
N ASP A 116 1.09 -13.59 -3.81
CA ASP A 116 0.74 -14.85 -4.51
C ASP A 116 -0.50 -14.74 -5.38
N HIS A 117 -0.42 -15.31 -6.57
CA HIS A 117 -1.56 -15.30 -7.54
C HIS A 117 -2.83 -15.99 -7.06
N ASN A 118 -2.78 -16.90 -6.09
CA ASN A 118 -3.99 -17.56 -5.56
C ASN A 118 -4.58 -16.88 -4.31
N PHE A 119 -4.04 -15.73 -3.87
CA PHE A 119 -4.55 -15.07 -2.65
C PHE A 119 -5.93 -14.51 -2.96
N GLN A 120 -6.90 -14.70 -2.07
CA GLN A 120 -8.20 -14.00 -2.15
C GLN A 120 -8.51 -13.35 -0.80
N ALA A 121 -8.76 -12.06 -0.83
CA ALA A 121 -8.93 -11.27 0.40
C ALA A 121 -10.16 -11.73 1.20
N GLN A 122 -9.95 -11.92 2.49
CA GLN A 122 -11.02 -12.15 3.48
C GLN A 122 -11.09 -10.92 4.43
N PRO A 123 -11.81 -9.87 4.06
CA PRO A 123 -11.78 -8.67 4.92
C PRO A 123 -12.37 -8.92 6.32
N ASN A 124 -11.66 -8.52 7.37
CA ASN A 124 -12.23 -8.40 8.69
C ASN A 124 -13.22 -7.18 8.80
N PRO A 125 -14.55 -7.45 8.91
CA PRO A 125 -15.52 -6.33 8.86
C PRO A 125 -15.44 -5.34 10.02
N ALA A 126 -14.81 -5.72 11.13
CA ALA A 126 -14.59 -4.73 12.21
C ALA A 126 -13.54 -3.66 11.83
N GLU A 127 -12.71 -3.93 10.82
CA GLU A 127 -11.59 -3.01 10.41
C GLU A 127 -11.67 -2.48 8.98
N VAL A 128 -12.21 -3.30 8.09
CA VAL A 128 -12.17 -3.07 6.65
C VAL A 128 -13.61 -3.28 6.07
N LYS A 129 -14.12 -2.26 5.43
CA LYS A 129 -15.43 -2.29 4.77
C LYS A 129 -15.36 -2.88 3.35
N ASP A 130 -14.21 -2.75 2.69
CA ASP A 130 -14.07 -3.08 1.27
C ASP A 130 -12.56 -3.23 0.94
N VAL A 131 -12.28 -4.04 -0.08
CA VAL A 131 -10.94 -4.25 -0.69
C VAL A 131 -11.10 -4.11 -2.20
N PHE A 132 -10.20 -3.39 -2.86
CA PHE A 132 -10.23 -3.23 -4.31
C PHE A 132 -8.79 -3.09 -4.86
N LEU A 133 -8.64 -3.38 -6.14
CA LEU A 133 -7.42 -3.27 -6.90
C LEU A 133 -7.48 -2.07 -7.83
N VAL A 134 -6.31 -1.44 -8.08
CA VAL A 134 -6.14 -0.40 -9.11
C VAL A 134 -4.96 -0.78 -9.98
N PRO A 135 -5.12 -0.78 -11.34
CA PRO A 135 -3.91 -0.96 -12.12
C PRO A 135 -2.81 0.09 -11.77
N LEU A 136 -1.56 -0.37 -11.68
CA LEU A 136 -0.45 0.52 -11.36
C LEU A 136 -0.32 1.70 -12.36
N ALA A 137 -0.48 1.42 -13.66
CA ALA A 137 -0.41 2.46 -14.71
C ALA A 137 -1.37 3.60 -14.47
N TYR A 138 -2.48 3.37 -13.79
CA TYR A 138 -3.43 4.46 -13.51
C TYR A 138 -2.74 5.72 -12.88
N PHE A 139 -1.81 5.42 -11.98
CA PHE A 139 -1.15 6.48 -11.19
C PHE A 139 -0.20 7.37 -12.02
N LEU A 140 0.09 6.98 -13.27
CA LEU A 140 0.78 7.83 -14.24
C LEU A 140 -0.12 8.85 -14.95
N HIS A 141 -1.41 8.55 -15.13
CA HIS A 141 -2.41 9.47 -15.69
C HIS A 141 -3.72 9.39 -14.89
N PRO A 142 -3.71 9.87 -13.65
CA PRO A 142 -4.90 9.78 -12.81
C PRO A 142 -5.96 10.82 -13.15
N GLN A 143 -7.19 10.60 -12.67
CA GLN A 143 -8.26 11.60 -12.73
C GLN A 143 -8.30 12.45 -11.44
N VAL A 144 -7.85 13.71 -11.55
CA VAL A 144 -7.53 14.55 -10.38
C VAL A 144 -8.66 15.54 -10.09
N HIS A 145 -9.01 15.68 -8.81
CA HIS A 145 -10.08 16.59 -8.33
C HIS A 145 -9.47 17.41 -7.20
N ASP A 146 -9.67 18.72 -7.27
CA ASP A 146 -9.14 19.64 -6.26
C ASP A 146 -10.18 19.92 -5.18
N GLN A 147 -9.89 19.51 -3.93
CA GLN A 147 -10.79 19.72 -2.79
C GLN A 147 -10.65 21.14 -2.26
N ILE A 158 -5.97 24.36 -1.64
CA ILE A 158 -6.39 23.33 -2.60
C ILE A 158 -5.56 22.03 -2.41
N ASN A 159 -6.23 20.88 -2.53
CA ASN A 159 -5.69 19.56 -2.18
C ASN A 159 -6.00 18.58 -3.31
N HIS A 160 -4.99 17.90 -3.86
CA HIS A 160 -5.22 16.95 -4.97
C HIS A 160 -5.74 15.58 -4.50
N ILE A 161 -6.88 15.18 -5.06
CA ILE A 161 -7.58 13.93 -4.75
C ILE A 161 -7.74 13.15 -6.08
N PHE A 162 -7.43 11.84 -6.07
CA PHE A 162 -7.68 10.95 -7.22
C PHE A 162 -9.04 10.24 -7.13
N GLU A 163 -9.73 10.12 -8.25
CA GLU A 163 -10.95 9.30 -8.39
C GLU A 163 -10.73 8.11 -9.30
N TYR A 164 -11.02 6.92 -8.80
CA TYR A 164 -10.85 5.72 -9.59
C TYR A 164 -12.19 5.01 -9.66
N THR A 165 -12.64 4.70 -10.86
CA THR A 165 -13.88 3.93 -11.09
C THR A 165 -13.56 2.52 -11.56
N ASN A 166 -13.97 1.51 -10.79
CA ASN A 166 -13.77 0.12 -11.14
C ASN A 166 -14.73 -0.24 -12.30
N PRO A 167 -14.19 -0.62 -13.47
CA PRO A 167 -15.05 -0.92 -14.67
C PRO A 167 -15.94 -2.18 -14.50
N GLU A 168 -15.61 -3.06 -13.58
CA GLU A 168 -16.43 -4.24 -13.23
C GLU A 168 -17.85 -3.93 -12.72
N ASP A 169 -17.97 -2.95 -11.83
CA ASP A 169 -19.24 -2.57 -11.17
C ASP A 169 -19.60 -1.09 -11.14
N GLY A 170 -18.75 -0.23 -11.67
CA GLY A 170 -19.04 1.22 -11.71
C GLY A 170 -18.82 2.00 -10.43
N VAL A 171 -18.31 1.34 -9.39
CA VAL A 171 -18.05 1.99 -8.09
C VAL A 171 -16.83 2.89 -8.14
N THR A 172 -17.01 4.10 -7.65
CA THR A 172 -15.98 5.10 -7.53
C THR A 172 -15.36 5.21 -6.11
N TYR A 173 -14.03 5.22 -6.06
CA TYR A 173 -13.25 5.43 -4.85
C TYR A 173 -12.38 6.71 -4.93
N GLN A 174 -12.21 7.36 -3.79
CA GLN A 174 -11.33 8.54 -3.66
C GLN A 174 -10.05 8.15 -2.96
N ILE A 175 -8.89 8.54 -3.51
CA ILE A 175 -7.60 8.13 -2.97
C ILE A 175 -6.79 9.43 -2.75
N LYS A 176 -6.30 9.64 -1.54
CA LYS A 176 -5.61 10.89 -1.21
C LYS A 176 -4.49 10.77 -0.18
N GLY A 177 -3.81 11.88 0.05
CA GLY A 177 -2.82 11.99 1.14
C GLY A 177 -1.59 11.12 0.91
N MET A 178 -1.04 10.60 2.00
CA MET A 178 0.15 9.73 1.98
C MET A 178 -0.10 8.50 1.06
N THR A 179 -1.31 7.99 1.09
CA THR A 179 -1.65 6.80 0.30
C THR A 179 -1.46 7.06 -1.21
N ALA A 180 -2.02 8.17 -1.66
CA ALA A 180 -1.94 8.59 -3.07
C ALA A 180 -0.49 8.88 -3.42
N ASN A 181 0.22 9.57 -2.50
CA ASN A 181 1.68 9.84 -2.72
C ASN A 181 2.52 8.57 -2.92
N LEU A 182 2.34 7.57 -2.07
CA LEU A 182 3.06 6.31 -2.16
C LEU A 182 2.73 5.54 -3.45
N ALA A 183 1.47 5.63 -3.87
CA ALA A 183 1.03 4.89 -5.07
C ALA A 183 1.75 5.42 -6.32
N VAL A 184 1.84 6.76 -6.44
CA VAL A 184 2.53 7.40 -7.55
C VAL A 184 4.00 7.07 -7.49
N LEU A 185 4.61 7.13 -6.30
CA LEU A 185 6.01 6.74 -6.18
C LEU A 185 6.34 5.29 -6.72
N VAL A 186 5.54 4.31 -6.32
CA VAL A 186 5.70 2.91 -6.75
C VAL A 186 5.50 2.84 -8.32
N ALA A 187 4.46 3.49 -8.83
CA ALA A 187 4.20 3.57 -10.31
C ALA A 187 5.45 4.11 -11.04
N PHE A 188 6.03 5.22 -10.55
CA PHE A 188 7.24 5.76 -11.19
C PHE A 188 8.44 4.78 -11.17
N ILE A 189 8.69 4.17 -10.02
CA ILE A 189 9.84 3.28 -9.86
C ILE A 189 9.80 2.12 -10.85
N ILE A 190 8.61 1.53 -10.95
CA ILE A 190 8.44 0.30 -11.76
C ILE A 190 8.19 0.52 -13.28
N LEU A 191 7.39 1.52 -13.65
CA LEU A 191 6.95 1.74 -15.05
C LEU A 191 7.78 2.81 -15.84
N GLU A 192 8.53 3.68 -15.15
CA GLU A 192 9.29 4.72 -15.90
C GLU A 192 10.27 4.06 -16.90
N LYS A 193 10.44 4.67 -18.07
CA LYS A 193 11.48 4.26 -19.02
C LYS A 193 11.46 2.80 -19.40
N LYS A 194 10.35 2.34 -19.97
CA LYS A 194 10.21 0.92 -20.40
C LYS A 194 9.83 0.84 -21.88
N PRO A 195 10.53 0.00 -22.66
CA PRO A 195 10.06 -0.26 -24.04
C PRO A 195 8.65 -0.89 -24.00
N THR A 196 7.85 -0.74 -25.06
CA THR A 196 6.44 -1.22 -25.07
C THR A 196 6.22 -2.63 -25.67
#